data_3AH1
#
_entry.id   3AH1
#
_cell.length_a   138.320
_cell.length_b   61.722
_cell.length_c   82.397
_cell.angle_alpha   90.00
_cell.angle_beta   104.28
_cell.angle_gamma   90.00
#
_symmetry.space_group_name_H-M   'C 1 2 1'
#
loop_
_entity.id
_entity.type
_entity.pdbx_description
1 polymer 'Main hemagglutinin component'
2 non-polymer 'N-acetyl-beta-neuraminic acid'
3 water water
#
_entity_poly.entity_id   1
_entity_poly.type   'polypeptide(L)'
_entity_poly.pdbx_seq_one_letter_code
;WIMSQTNANDLRNNEVFFISPSNNTNKVLDKISQSEVKLWNKLSGANQKWRLIYDTNKQAYKIKVMDNTSLILTWNAPLS
SVSVKTDTNGDNQYWYLLQNYISRNVIIRNYMNPNLVLQYNIDDTLMVSTQTSSSNQFFKFSNCIYEALNNRNCKLQTQL
NSDRFLSKNLNSQIIVLWQWFDSSRQKWIIEYNETKSAYTLKCQENNRYLTWIQNSNNYVETYQSTDSLIQYWNINYLDN
DASKYILYNLQDTNRVLDVYNSQIANGTHVIVDSYHGNTNQQWIINLI
;
_entity_poly.pdbx_strand_id   A,B
#
# COMPACT_ATOMS: atom_id res chain seq x y z
N THR A 6 -5.21 -0.67 5.82
CA THR A 6 -4.07 -1.66 5.89
C THR A 6 -3.66 -2.10 4.49
N ASN A 7 -2.44 -2.58 4.37
CA ASN A 7 -1.95 -3.16 3.11
C ASN A 7 -1.90 -4.69 3.16
N ALA A 8 -2.46 -5.29 4.21
CA ALA A 8 -2.42 -6.76 4.39
C ALA A 8 -3.13 -7.56 3.28
N ASN A 9 -4.13 -6.96 2.66
CA ASN A 9 -4.91 -7.62 1.61
C ASN A 9 -4.51 -7.23 0.21
N ASP A 10 -3.37 -6.55 0.07
CA ASP A 10 -2.88 -6.17 -1.24
C ASP A 10 -2.45 -7.38 -2.06
N LEU A 11 -2.43 -7.20 -3.37
CA LEU A 11 -2.29 -8.29 -4.32
C LEU A 11 -0.84 -8.74 -4.47
N ARG A 12 -0.25 -9.13 -3.34
CA ARG A 12 1.13 -9.61 -3.33
C ARG A 12 1.21 -10.99 -3.93
N ASN A 13 2.34 -11.25 -4.59
CA ASN A 13 2.64 -12.53 -5.20
C ASN A 13 2.73 -13.64 -4.16
N ASN A 14 2.35 -14.84 -4.55
CA ASN A 14 2.35 -16.00 -3.66
C ASN A 14 1.32 -15.98 -2.52
N GLU A 15 0.52 -14.91 -2.42
CA GLU A 15 -0.44 -14.83 -1.33
C GLU A 15 -1.74 -15.51 -1.69
N VAL A 16 -2.53 -15.86 -0.68
CA VAL A 16 -3.73 -16.66 -0.86
C VAL A 16 -4.94 -15.90 -0.33
N PHE A 17 -6.01 -15.88 -1.13
CA PHE A 17 -7.14 -14.98 -0.88
C PHE A 17 -8.51 -15.66 -0.97
N PHE A 18 -9.46 -15.14 -0.20
CA PHE A 18 -10.86 -15.29 -0.52
C PHE A 18 -11.14 -14.17 -1.49
N ILE A 19 -11.83 -14.48 -2.59
CA ILE A 19 -12.19 -13.48 -3.58
C ILE A 19 -13.72 -13.33 -3.55
N SER A 20 -14.19 -12.14 -3.15
CA SER A 20 -15.60 -11.86 -2.90
C SER A 20 -16.20 -10.87 -3.91
N PRO A 21 -17.53 -10.92 -4.14
CA PRO A 21 -18.15 -9.77 -4.80
C PRO A 21 -18.12 -8.58 -3.86
N SER A 22 -17.99 -7.37 -4.39
CA SER A 22 -17.90 -6.17 -3.55
C SER A 22 -19.18 -5.95 -2.74
N ASN A 23 -20.28 -6.55 -3.17
CA ASN A 23 -21.58 -6.39 -2.52
C ASN A 23 -21.80 -7.33 -1.34
N ASN A 24 -20.87 -8.25 -1.10
CA ASN A 24 -21.05 -9.25 -0.03
C ASN A 24 -19.75 -9.96 0.30
N THR A 25 -19.15 -9.60 1.43
CA THR A 25 -17.93 -10.25 1.89
C THR A 25 -18.17 -11.68 2.36
N ASN A 26 -19.43 -12.07 2.58
CA ASN A 26 -19.76 -13.41 3.09
C ASN A 26 -19.99 -14.45 1.98
N LYS A 27 -19.89 -14.01 0.73
CA LYS A 27 -19.89 -14.92 -0.40
C LYS A 27 -18.53 -14.89 -1.07
N VAL A 28 -18.00 -16.04 -1.43
CA VAL A 28 -16.65 -16.14 -2.00
C VAL A 28 -16.55 -17.13 -3.16
N LEU A 29 -15.56 -16.89 -4.02
CA LEU A 29 -15.27 -17.71 -5.19
C LEU A 29 -14.91 -19.13 -4.78
N ASP A 30 -15.59 -20.09 -5.40
CA ASP A 30 -15.58 -21.49 -4.95
C ASP A 30 -15.45 -22.44 -6.14
N LYS A 31 -14.39 -23.26 -6.12
CA LYS A 31 -14.25 -24.37 -7.04
C LYS A 31 -15.23 -25.45 -6.58
N ILE A 32 -16.33 -25.58 -7.34
CA ILE A 32 -17.40 -26.50 -6.96
C ILE A 32 -17.14 -27.91 -7.48
N SER A 33 -16.77 -28.02 -8.74
CA SER A 33 -16.44 -29.32 -9.32
C SER A 33 -15.00 -29.29 -9.81
N GLN A 34 -14.58 -30.36 -10.47
CA GLN A 34 -13.25 -30.39 -11.06
C GLN A 34 -13.10 -29.34 -12.19
N SER A 35 -14.21 -28.68 -12.54
CA SER A 35 -14.23 -27.68 -13.61
C SER A 35 -14.99 -26.39 -13.27
N GLU A 36 -16.15 -26.51 -12.62
CA GLU A 36 -17.06 -25.36 -12.40
C GLU A 36 -16.73 -24.50 -11.18
N VAL A 37 -16.81 -23.19 -11.35
CA VAL A 37 -16.65 -22.24 -10.25
C VAL A 37 -17.87 -21.34 -10.13
N LYS A 38 -18.21 -20.95 -8.90
CA LYS A 38 -19.16 -19.88 -8.68
C LYS A 38 -19.02 -19.27 -7.28
N LEU A 39 -19.64 -18.11 -7.09
CA LEU A 39 -19.68 -17.47 -5.78
C LEU A 39 -20.55 -18.32 -4.85
N TRP A 40 -20.09 -18.48 -3.61
CA TRP A 40 -20.73 -19.36 -2.65
C TRP A 40 -20.51 -18.85 -1.23
N ASN A 41 -21.44 -19.24 -0.34
CA ASN A 41 -21.32 -18.93 1.07
C ASN A 41 -19.94 -19.34 1.58
N LYS A 42 -19.29 -18.45 2.31
CA LYS A 42 -17.94 -18.69 2.80
C LYS A 42 -17.94 -19.79 3.86
N LEU A 43 -17.21 -20.88 3.58
CA LEU A 43 -17.06 -22.02 4.49
C LEU A 43 -15.57 -22.42 4.72
N SER A 44 -14.66 -21.73 4.03
CA SER A 44 -13.21 -21.95 4.09
C SER A 44 -12.72 -23.40 4.07
N GLY A 45 -13.09 -24.12 3.03
CA GLY A 45 -12.29 -25.26 2.60
C GLY A 45 -11.25 -24.74 1.61
N ALA A 46 -10.32 -25.59 1.22
CA ALA A 46 -9.30 -25.22 0.25
C ALA A 46 -9.89 -24.90 -1.15
N ASN A 47 -11.14 -25.33 -1.38
CA ASN A 47 -11.86 -25.00 -2.61
C ASN A 47 -12.23 -23.52 -2.74
N GLN A 48 -12.15 -22.78 -1.63
CA GLN A 48 -12.50 -21.37 -1.59
C GLN A 48 -11.28 -20.47 -1.41
N LYS A 49 -10.10 -21.05 -1.48
CA LYS A 49 -8.87 -20.28 -1.30
C LYS A 49 -8.07 -20.26 -2.58
N TRP A 50 -7.60 -19.07 -2.94
CA TRP A 50 -6.96 -18.85 -4.23
C TRP A 50 -5.60 -18.19 -4.11
N ARG A 51 -4.59 -18.82 -4.71
CA ARG A 51 -3.23 -18.30 -4.68
C ARG A 51 -2.94 -17.48 -5.95
N LEU A 52 -2.34 -16.32 -5.76
CA LEU A 52 -1.89 -15.48 -6.87
C LEU A 52 -0.51 -15.93 -7.25
N ILE A 53 -0.29 -16.15 -8.54
CA ILE A 53 1.04 -16.44 -9.09
C ILE A 53 1.29 -15.45 -10.22
N TYR A 54 2.13 -14.46 -9.96
CA TYR A 54 2.35 -13.35 -10.89
C TYR A 54 3.30 -13.75 -12.01
N ASP A 55 3.18 -13.04 -13.12
CA ASP A 55 4.05 -13.23 -14.28
C ASP A 55 4.50 -11.82 -14.69
N THR A 56 5.74 -11.48 -14.30
CA THR A 56 6.27 -10.15 -14.47
C THR A 56 6.28 -9.70 -15.93
N ASN A 57 6.63 -10.63 -16.83
CA ASN A 57 6.66 -10.34 -18.27
C ASN A 57 5.32 -9.85 -18.81
N LYS A 58 4.23 -10.51 -18.38
CA LYS A 58 2.87 -10.18 -18.80
C LYS A 58 2.21 -9.11 -17.92
N GLN A 59 2.74 -8.92 -16.71
CA GLN A 59 2.10 -8.11 -15.66
C GLN A 59 0.68 -8.60 -15.33
N ALA A 60 0.51 -9.92 -15.41
CA ALA A 60 -0.76 -10.56 -15.11
C ALA A 60 -0.53 -11.76 -14.21
N TYR A 61 -1.61 -12.27 -13.63
CA TYR A 61 -1.54 -13.35 -12.64
C TYR A 61 -2.29 -14.61 -13.07
N LYS A 62 -1.85 -15.74 -12.52
CA LYS A 62 -2.64 -16.95 -12.52
C LYS A 62 -3.37 -16.94 -11.18
N ILE A 63 -4.62 -17.38 -11.16
CA ILE A 63 -5.39 -17.49 -9.93
C ILE A 63 -5.65 -18.99 -9.72
N LYS A 64 -5.03 -19.54 -8.68
CA LYS A 64 -4.90 -20.99 -8.51
C LYS A 64 -5.60 -21.49 -7.23
N VAL A 65 -6.55 -22.42 -7.37
CA VAL A 65 -7.25 -22.96 -6.20
C VAL A 65 -6.32 -23.84 -5.38
N MET A 66 -6.48 -23.78 -4.06
CA MET A 66 -5.57 -24.44 -3.14
C MET A 66 -5.80 -25.95 -3.01
N ASP A 67 -6.94 -26.46 -3.46
CA ASP A 67 -7.26 -27.88 -3.23
C ASP A 67 -6.87 -28.87 -4.35
N ASN A 68 -6.26 -28.43 -5.46
CA ASN A 68 -6.10 -29.36 -6.60
C ASN A 68 -4.89 -29.22 -7.55
N THR A 69 -3.69 -29.12 -7.00
CA THR A 69 -2.45 -29.40 -7.74
C THR A 69 -2.03 -28.35 -8.79
N SER A 70 -2.88 -28.13 -9.79
CA SER A 70 -2.57 -27.21 -10.87
C SER A 70 -3.81 -26.81 -11.67
N LEU A 71 -4.92 -26.56 -10.97
CA LEU A 71 -6.13 -26.02 -11.61
C LEU A 71 -6.13 -24.52 -11.38
N ILE A 72 -6.23 -23.75 -12.48
CA ILE A 72 -6.25 -22.28 -12.40
C ILE A 72 -7.46 -21.71 -13.12
N LEU A 73 -7.93 -20.54 -12.66
CA LEU A 73 -9.09 -19.88 -13.23
C LEU A 73 -8.84 -19.61 -14.71
N THR A 74 -9.77 -20.04 -15.56
CA THR A 74 -9.55 -20.07 -17.01
C THR A 74 -10.77 -19.54 -17.76
N TRP A 75 -10.56 -18.56 -18.64
CA TRP A 75 -11.61 -18.12 -19.56
C TRP A 75 -11.72 -19.14 -20.69
N ASN A 76 -12.93 -19.64 -20.91
CA ASN A 76 -13.19 -20.68 -21.91
C ASN A 76 -13.41 -20.06 -23.31
N ALA A 77 -12.43 -19.31 -23.79
CA ALA A 77 -12.54 -18.64 -25.09
C ALA A 77 -12.81 -19.68 -26.17
N PRO A 78 -13.67 -19.34 -27.15
CA PRO A 78 -14.33 -18.04 -27.35
C PRO A 78 -15.66 -17.85 -26.60
N LEU A 79 -16.03 -18.82 -25.75
CA LEU A 79 -17.27 -18.68 -25.00
C LEU A 79 -17.15 -17.56 -23.98
N SER A 80 -18.27 -17.25 -23.31
CA SER A 80 -18.30 -16.25 -22.25
C SER A 80 -18.17 -16.89 -20.85
N SER A 81 -17.88 -18.17 -20.78
CA SER A 81 -17.86 -18.90 -19.51
C SER A 81 -16.45 -18.95 -18.92
N VAL A 82 -16.38 -19.25 -17.63
CA VAL A 82 -15.12 -19.45 -16.94
C VAL A 82 -15.15 -20.77 -16.22
N SER A 83 -13.99 -21.39 -16.09
CA SER A 83 -13.84 -22.63 -15.38
C SER A 83 -12.51 -22.64 -14.66
N VAL A 84 -12.21 -23.75 -13.98
CA VAL A 84 -10.87 -24.04 -13.56
C VAL A 84 -10.39 -25.20 -14.43
N LYS A 85 -9.15 -25.11 -14.90
CA LYS A 85 -8.56 -26.12 -15.78
C LYS A 85 -7.09 -26.26 -15.49
N THR A 86 -6.55 -27.42 -15.87
CA THR A 86 -5.11 -27.68 -15.81
C THR A 86 -4.32 -26.48 -16.31
N ASP A 87 -3.25 -26.16 -15.60
CA ASP A 87 -2.39 -25.05 -15.98
C ASP A 87 -1.52 -25.43 -17.18
N THR A 88 -1.79 -24.82 -18.33
CA THR A 88 -0.92 -24.96 -19.51
C THR A 88 -0.27 -23.63 -19.93
N ASN A 89 -0.39 -22.59 -19.10
CA ASN A 89 0.14 -21.26 -19.43
C ASN A 89 -0.47 -20.69 -20.71
N GLY A 90 -1.77 -20.88 -20.88
CA GLY A 90 -2.49 -20.26 -21.98
C GLY A 90 -2.79 -18.82 -21.61
N ASP A 91 -2.78 -17.92 -22.59
CA ASP A 91 -3.08 -16.51 -22.33
C ASP A 91 -4.45 -16.30 -21.70
N ASN A 92 -5.38 -17.19 -22.03
CA ASN A 92 -6.73 -17.16 -21.45
C ASN A 92 -6.76 -17.55 -19.96
N GLN A 93 -5.62 -17.98 -19.42
CA GLN A 93 -5.51 -18.38 -18.01
C GLN A 93 -4.79 -17.32 -17.19
N TYR A 94 -4.54 -16.16 -17.81
CA TYR A 94 -3.88 -15.03 -17.16
C TYR A 94 -4.85 -13.88 -16.97
N TRP A 95 -4.67 -13.14 -15.88
CA TRP A 95 -5.59 -12.09 -15.48
C TRP A 95 -4.82 -10.90 -14.93
N TYR A 96 -5.13 -9.70 -15.44
CA TYR A 96 -4.69 -8.47 -14.81
C TYR A 96 -5.51 -8.28 -13.54
N LEU A 97 -4.84 -8.10 -12.41
CA LEU A 97 -5.53 -7.73 -11.20
C LEU A 97 -5.06 -6.33 -10.83
N LEU A 98 -6.02 -5.40 -10.84
CA LEU A 98 -5.72 -3.99 -10.63
C LEU A 98 -6.70 -3.43 -9.63
N GLN A 99 -6.19 -2.68 -8.66
CA GLN A 99 -6.96 -2.24 -7.50
C GLN A 99 -7.24 -0.73 -7.46
N ASN A 100 -8.48 -0.39 -7.16
CA ASN A 100 -8.86 0.98 -6.76
C ASN A 100 -8.42 1.21 -5.33
N TYR A 101 -7.59 2.23 -5.10
CA TYR A 101 -6.98 2.43 -3.78
C TYR A 101 -7.96 2.76 -2.65
N ILE A 102 -9.07 3.41 -2.98
CA ILE A 102 -9.95 4.00 -1.98
C ILE A 102 -11.08 3.02 -1.65
N SER A 103 -11.73 2.51 -2.69
CA SER A 103 -12.78 1.49 -2.51
C SER A 103 -12.22 0.12 -2.14
N ARG A 104 -10.98 -0.14 -2.54
CA ARG A 104 -10.33 -1.46 -2.38
C ARG A 104 -10.82 -2.51 -3.38
N ASN A 105 -11.65 -2.10 -4.34
CA ASN A 105 -12.23 -3.02 -5.31
C ASN A 105 -11.21 -3.40 -6.37
N VAL A 106 -11.25 -4.66 -6.80
CA VAL A 106 -10.35 -5.15 -7.82
C VAL A 106 -11.17 -5.52 -9.04
N ILE A 107 -10.67 -5.18 -10.22
CA ILE A 107 -11.23 -5.66 -11.47
C ILE A 107 -10.36 -6.82 -11.91
N ILE A 108 -11.02 -7.91 -12.30
CA ILE A 108 -10.34 -9.11 -12.74
C ILE A 108 -10.49 -9.20 -14.26
N ARG A 109 -9.47 -8.70 -14.98
CA ARG A 109 -9.53 -8.51 -16.42
C ARG A 109 -8.72 -9.58 -17.15
N ASN A 110 -9.28 -10.17 -18.19
CA ASN A 110 -8.58 -11.25 -18.90
C ASN A 110 -7.37 -10.74 -19.70
N TYR A 111 -6.26 -11.46 -19.63
CA TYR A 111 -5.03 -11.09 -20.34
C TYR A 111 -5.16 -11.28 -21.85
N MET A 112 -5.71 -12.42 -22.26
CA MET A 112 -5.89 -12.71 -23.68
C MET A 112 -6.78 -11.67 -24.34
N ASN A 113 -7.88 -11.32 -23.69
CA ASN A 113 -8.78 -10.29 -24.20
C ASN A 113 -9.10 -9.27 -23.12
N PRO A 114 -8.31 -8.19 -23.07
CA PRO A 114 -8.45 -7.19 -22.00
C PRO A 114 -9.72 -6.34 -22.10
N ASN A 115 -10.53 -6.57 -23.14
CA ASN A 115 -11.86 -5.98 -23.24
C ASN A 115 -12.80 -6.64 -22.24
N LEU A 116 -12.50 -7.88 -21.87
CA LEU A 116 -13.39 -8.69 -21.05
C LEU A 116 -12.91 -8.79 -19.60
N VAL A 117 -13.88 -8.76 -18.68
CA VAL A 117 -13.59 -8.80 -17.26
C VAL A 117 -14.52 -9.79 -16.57
N LEU A 118 -14.06 -10.38 -15.48
CA LEU A 118 -14.89 -11.32 -14.74
C LEU A 118 -16.08 -10.58 -14.14
N GLN A 119 -17.27 -11.18 -14.21
CA GLN A 119 -18.41 -10.60 -13.53
C GLN A 119 -19.27 -11.65 -12.81
N TYR A 120 -19.94 -11.23 -11.75
CA TYR A 120 -20.79 -12.13 -10.99
C TYR A 120 -22.25 -11.89 -11.32
N ASN A 121 -22.93 -12.97 -11.69
CA ASN A 121 -24.31 -12.86 -12.16
C ASN A 121 -25.28 -12.78 -11.00
N ILE A 122 -26.56 -12.58 -11.32
CA ILE A 122 -27.58 -12.39 -10.29
C ILE A 122 -27.69 -13.65 -9.43
N ASP A 123 -27.64 -14.82 -10.07
CA ASP A 123 -27.62 -16.11 -9.37
C ASP A 123 -26.20 -16.49 -8.87
N ASP A 124 -25.31 -15.49 -8.76
CA ASP A 124 -23.94 -15.69 -8.26
C ASP A 124 -23.12 -16.75 -9.03
N THR A 125 -23.50 -17.04 -10.27
CA THR A 125 -22.62 -17.73 -11.20
C THR A 125 -21.72 -16.67 -11.83
N LEU A 126 -20.68 -17.11 -12.51
CA LEU A 126 -19.66 -16.19 -13.05
C LEU A 126 -19.57 -16.25 -14.57
N MET A 127 -19.11 -15.15 -15.16
CA MET A 127 -18.86 -15.06 -16.60
C MET A 127 -17.92 -13.90 -16.90
N VAL A 128 -17.32 -13.93 -18.08
CA VAL A 128 -16.60 -12.78 -18.59
C VAL A 128 -17.55 -11.94 -19.45
N SER A 129 -17.34 -10.64 -19.41
CA SER A 129 -18.16 -9.71 -20.18
C SER A 129 -17.44 -8.38 -20.31
N THR A 130 -17.90 -7.58 -21.25
CA THR A 130 -17.40 -6.23 -21.45
C THR A 130 -17.70 -5.41 -20.20
N GLN A 131 -16.88 -4.40 -19.95
CA GLN A 131 -17.02 -3.60 -18.73
C GLN A 131 -18.10 -2.52 -18.83
N THR A 132 -19.11 -2.62 -17.96
CA THR A 132 -20.09 -1.55 -17.76
C THR A 132 -20.07 -1.14 -16.28
N SER A 133 -20.35 0.13 -16.01
CA SER A 133 -20.22 0.73 -14.66
C SER A 133 -20.71 -0.10 -13.47
N SER A 134 -21.70 -0.95 -13.69
CA SER A 134 -22.31 -1.76 -12.63
C SER A 134 -21.29 -2.43 -11.69
N SER A 135 -21.73 -2.66 -10.46
CA SER A 135 -20.89 -3.19 -9.39
C SER A 135 -20.60 -4.70 -9.53
N ASN A 136 -21.19 -5.31 -10.57
CA ASN A 136 -21.07 -6.76 -10.85
C ASN A 136 -19.71 -7.19 -11.38
N GLN A 137 -18.80 -6.23 -11.53
CA GLN A 137 -17.45 -6.54 -11.98
C GLN A 137 -16.38 -6.18 -10.95
N PHE A 138 -16.81 -5.76 -9.75
CA PHE A 138 -15.90 -5.36 -8.67
C PHE A 138 -15.80 -6.42 -7.60
N PHE A 139 -14.58 -6.84 -7.30
CA PHE A 139 -14.33 -7.90 -6.32
C PHE A 139 -13.47 -7.39 -5.18
N LYS A 140 -13.67 -7.96 -3.99
CA LYS A 140 -12.78 -7.72 -2.87
C LYS A 140 -11.92 -8.95 -2.61
N PHE A 141 -10.64 -8.70 -2.33
CA PHE A 141 -9.69 -9.75 -2.00
C PHE A 141 -9.37 -9.62 -0.52
N SER A 142 -9.49 -10.73 0.20
CA SER A 142 -9.14 -10.77 1.61
C SER A 142 -8.09 -11.86 1.82
N ASN A 143 -6.94 -11.48 2.34
CA ASN A 143 -5.84 -12.41 2.62
C ASN A 143 -6.30 -13.38 3.72
N CYS A 144 -6.34 -14.66 3.38
CA CYS A 144 -6.86 -15.70 4.29
C CYS A 144 -6.11 -15.76 5.62
N ILE A 145 -4.79 -15.73 5.55
CA ILE A 145 -3.97 -15.89 6.73
C ILE A 145 -4.09 -14.69 7.66
N TYR A 146 -4.10 -13.49 7.09
CA TYR A 146 -4.27 -12.28 7.86
C TYR A 146 -5.62 -12.30 8.57
N GLU A 147 -6.68 -12.59 7.83
CA GLU A 147 -8.02 -12.60 8.40
C GLU A 147 -8.18 -13.70 9.47
N ALA A 148 -7.47 -14.82 9.33
CA ALA A 148 -7.58 -15.90 10.33
C ALA A 148 -6.68 -15.72 11.55
N LEU A 149 -5.48 -15.19 11.34
CA LEU A 149 -4.41 -15.23 12.35
C LEU A 149 -3.98 -13.91 12.99
N ASN A 150 -4.21 -12.76 12.34
CA ASN A 150 -3.79 -11.48 12.93
C ASN A 150 -4.42 -11.25 14.29
N ASN A 151 -3.63 -10.72 15.22
CA ASN A 151 -4.09 -10.46 16.59
C ASN A 151 -4.64 -11.69 17.32
N ARG A 152 -4.12 -12.87 17.02
CA ARG A 152 -4.58 -14.07 17.72
C ARG A 152 -3.44 -14.76 18.45
N ASN A 153 -3.78 -15.33 19.61
CA ASN A 153 -2.85 -16.15 20.37
C ASN A 153 -2.84 -17.53 19.73
N CYS A 154 -1.67 -17.99 19.32
CA CYS A 154 -1.54 -19.24 18.57
C CYS A 154 -0.49 -20.20 19.14
N LYS A 155 -0.61 -21.46 18.75
CA LYS A 155 0.45 -22.45 18.95
C LYS A 155 0.91 -22.95 17.59
N LEU A 156 2.21 -23.24 17.48
CA LEU A 156 2.81 -23.69 16.23
C LEU A 156 3.41 -25.09 16.44
N GLN A 157 2.85 -26.07 15.72
CA GLN A 157 3.27 -27.48 15.78
C GLN A 157 4.10 -27.83 14.55
N THR A 158 5.28 -28.42 14.75
CA THR A 158 6.04 -28.94 13.62
C THR A 158 5.28 -30.12 12.99
N GLN A 159 5.29 -30.16 11.66
CA GLN A 159 4.65 -31.22 10.89
C GLN A 159 5.38 -32.56 11.10
N LEU A 160 6.61 -32.51 11.60
CA LEU A 160 7.38 -33.70 11.96
C LEU A 160 6.71 -34.61 12.98
N ASN A 161 5.89 -34.03 13.87
CA ASN A 161 5.32 -34.77 15.00
C ASN A 161 4.11 -34.08 15.64
N SER A 162 3.04 -34.84 15.87
CA SER A 162 1.76 -34.28 16.33
C SER A 162 1.80 -33.57 17.69
N ASP A 163 2.84 -33.81 18.49
CA ASP A 163 2.94 -33.20 19.82
C ASP A 163 4.35 -32.62 20.07
N ARG A 164 4.83 -31.82 19.12
CA ARG A 164 6.07 -31.04 19.31
C ARG A 164 5.82 -29.64 18.80
N PHE A 165 5.97 -28.67 19.69
CA PHE A 165 5.52 -27.30 19.44
C PHE A 165 6.65 -26.31 19.59
N LEU A 166 6.49 -25.17 18.92
CA LEU A 166 7.42 -24.08 19.02
C LEU A 166 7.40 -23.52 20.45
N SER A 167 8.55 -23.55 21.11
CA SER A 167 8.61 -23.28 22.56
C SER A 167 9.86 -22.54 22.95
N LYS A 168 9.68 -21.44 23.68
CA LYS A 168 10.78 -20.81 24.39
C LYS A 168 11.24 -21.79 25.45
N ASN A 169 12.55 -21.96 25.60
CA ASN A 169 13.09 -22.88 26.60
C ASN A 169 13.07 -22.25 27.99
N LEU A 170 13.06 -23.09 29.01
CA LEU A 170 13.02 -22.60 30.40
C LEU A 170 14.25 -21.78 30.74
N ASN A 171 14.04 -20.59 31.29
CA ASN A 171 15.14 -19.76 31.78
C ASN A 171 16.26 -19.64 30.73
N SER A 172 15.86 -19.49 29.47
CA SER A 172 16.76 -19.16 28.36
C SER A 172 15.95 -18.47 27.25
N GLN A 173 16.65 -17.81 26.32
CA GLN A 173 15.99 -17.13 25.21
C GLN A 173 15.82 -18.02 23.96
N ILE A 174 16.50 -19.17 23.97
CA ILE A 174 16.51 -20.07 22.82
C ILE A 174 15.15 -20.73 22.62
N ILE A 175 14.77 -20.91 21.35
CA ILE A 175 13.51 -21.54 20.97
C ILE A 175 13.79 -22.95 20.52
N VAL A 176 13.02 -23.89 21.05
CA VAL A 176 13.21 -25.30 20.77
C VAL A 176 11.85 -25.96 20.51
N LEU A 177 11.90 -27.21 20.06
CA LEU A 177 10.74 -28.05 20.04
C LEU A 177 10.47 -28.54 21.46
N TRP A 178 9.19 -28.60 21.84
CA TRP A 178 8.78 -29.29 23.05
C TRP A 178 7.34 -29.75 22.95
N GLN A 179 7.05 -30.88 23.60
CA GLN A 179 5.68 -31.38 23.70
C GLN A 179 4.80 -30.38 24.44
N TRP A 180 3.50 -30.42 24.16
CA TRP A 180 2.56 -29.48 24.75
C TRP A 180 2.44 -29.70 26.26
N PHE A 181 2.67 -28.64 27.05
CA PHE A 181 2.27 -28.63 28.47
C PHE A 181 1.58 -27.30 28.85
N ASP A 182 0.90 -26.70 27.86
CA ASP A 182 0.03 -25.55 28.06
C ASP A 182 0.72 -24.36 28.70
N SER A 183 2.00 -24.21 28.41
CA SER A 183 2.78 -23.14 28.99
C SER A 183 2.70 -21.90 28.09
N SER A 184 2.75 -20.73 28.73
CA SER A 184 2.87 -19.46 28.01
C SER A 184 4.13 -19.39 27.15
N ARG A 185 5.11 -20.24 27.45
CA ARG A 185 6.30 -20.38 26.62
C ARG A 185 6.03 -20.97 25.23
N GLN A 186 4.87 -21.61 25.07
CA GLN A 186 4.45 -22.25 23.83
C GLN A 186 3.29 -21.47 23.17
N LYS A 187 3.06 -20.24 23.60
CA LYS A 187 1.96 -19.42 23.07
C LYS A 187 2.50 -18.17 22.40
N TRP A 188 2.04 -17.91 21.19
CA TRP A 188 2.60 -16.85 20.34
C TRP A 188 1.49 -16.02 19.76
N ILE A 189 1.55 -14.71 19.98
CA ILE A 189 0.57 -13.79 19.42
C ILE A 189 1.11 -13.25 18.09
N ILE A 190 0.35 -13.50 17.02
CA ILE A 190 0.75 -13.13 15.67
C ILE A 190 0.23 -11.72 15.37
N GLU A 191 1.15 -10.82 15.01
CA GLU A 191 0.79 -9.43 14.67
C GLU A 191 1.40 -9.04 13.35
N TYR A 192 0.57 -8.56 12.43
CA TYR A 192 1.02 -8.05 11.15
C TYR A 192 1.63 -6.66 11.36
N ASN A 193 2.68 -6.35 10.59
CA ASN A 193 3.27 -5.01 10.57
C ASN A 193 3.18 -4.47 9.16
N GLU A 194 2.64 -3.26 9.03
CA GLU A 194 2.31 -2.67 7.74
C GLU A 194 3.57 -2.18 7.00
N THR A 195 4.55 -1.68 7.75
CA THR A 195 5.81 -1.21 7.16
C THR A 195 6.67 -2.34 6.59
N LYS A 196 6.54 -3.53 7.16
CA LYS A 196 7.34 -4.70 6.75
C LYS A 196 6.54 -5.67 5.88
N SER A 197 5.21 -5.47 5.83
CA SER A 197 4.31 -6.42 5.18
C SER A 197 4.65 -7.84 5.62
N ALA A 198 4.79 -8.00 6.93
CA ALA A 198 5.12 -9.30 7.49
C ALA A 198 4.69 -9.31 8.93
N TYR A 199 4.86 -10.45 9.58
CA TYR A 199 4.36 -10.64 10.93
C TYR A 199 5.48 -10.77 11.96
N THR A 200 5.18 -10.37 13.17
CA THR A 200 5.96 -10.72 14.35
C THR A 200 5.16 -11.76 15.12
N LEU A 201 5.88 -12.54 15.91
CA LEU A 201 5.28 -13.56 16.77
C LEU A 201 5.85 -13.38 18.17
N LYS A 202 4.99 -13.05 19.15
CA LYS A 202 5.40 -12.67 20.50
C LYS A 202 5.15 -13.80 21.48
N CYS A 203 6.21 -14.25 22.15
CA CYS A 203 6.07 -15.26 23.20
C CYS A 203 5.26 -14.70 24.37
N GLN A 204 4.21 -15.42 24.76
CA GLN A 204 3.34 -14.95 25.86
C GLN A 204 4.07 -14.94 27.21
N GLU A 205 5.11 -15.77 27.35
CA GLU A 205 5.81 -15.91 28.62
C GLU A 205 6.59 -14.67 29.00
N ASN A 206 7.40 -14.14 28.07
CA ASN A 206 8.25 -12.99 28.38
C ASN A 206 7.94 -11.76 27.52
N ASN A 207 6.86 -11.82 26.75
CA ASN A 207 6.46 -10.72 25.87
C ASN A 207 7.56 -10.27 24.89
N ARG A 208 8.38 -11.22 24.44
CA ARG A 208 9.44 -10.93 23.47
C ARG A 208 9.25 -11.78 22.19
N TYR A 209 10.01 -11.45 21.15
CA TYR A 209 9.65 -11.80 19.78
C TYR A 209 10.53 -12.85 19.11
N LEU A 210 9.89 -13.71 18.33
CA LEU A 210 10.58 -14.70 17.49
C LEU A 210 11.55 -13.99 16.56
N THR A 211 12.84 -14.23 16.76
CA THR A 211 13.88 -13.50 16.05
C THR A 211 15.06 -14.37 15.62
N TRP A 212 15.47 -14.20 14.38
CA TRP A 212 16.67 -14.87 13.86
C TRP A 212 17.94 -14.23 14.45
N ILE A 213 18.65 -15.02 15.25
CA ILE A 213 19.94 -14.62 15.80
C ILE A 213 21.04 -15.10 14.85
N GLN A 214 21.67 -14.15 14.16
CA GLN A 214 22.60 -14.46 13.09
C GLN A 214 24.02 -14.76 13.59
N ASN A 215 24.40 -16.03 13.51
CA ASN A 215 25.78 -16.48 13.72
C ASN A 215 25.92 -17.87 13.12
N SER A 216 26.95 -18.63 13.53
CA SER A 216 27.18 -19.95 12.96
C SER A 216 26.03 -20.92 13.25
N ASN A 217 25.32 -20.73 14.36
CA ASN A 217 24.23 -21.63 14.75
C ASN A 217 22.87 -21.30 14.12
N ASN A 218 22.66 -20.03 13.79
CA ASN A 218 21.39 -19.54 13.24
C ASN A 218 20.17 -19.97 14.07
N TYR A 219 20.25 -19.79 15.38
CA TYR A 219 19.11 -20.09 16.25
C TYR A 219 18.07 -18.98 16.12
N VAL A 220 16.81 -19.35 16.27
CA VAL A 220 15.77 -18.37 16.53
C VAL A 220 15.65 -18.25 18.04
N GLU A 221 15.40 -17.02 18.50
CA GLU A 221 15.29 -16.73 19.93
C GLU A 221 14.23 -15.66 20.18
N THR A 222 13.73 -15.59 21.41
CA THR A 222 12.94 -14.43 21.83
C THR A 222 13.91 -13.27 22.05
N TYR A 223 13.58 -12.11 21.50
CA TYR A 223 14.49 -10.98 21.50
C TYR A 223 13.66 -9.71 21.67
N GLN A 224 14.29 -8.64 22.13
CA GLN A 224 13.55 -7.40 22.35
C GLN A 224 13.01 -6.86 21.04
N SER A 225 12.00 -6.01 21.16
CA SER A 225 11.39 -5.34 20.03
C SER A 225 12.43 -4.62 19.20
N THR A 226 12.46 -4.89 17.90
CA THR A 226 13.37 -4.19 16.99
C THR A 226 12.71 -3.96 15.64
N ASP A 227 13.27 -3.00 14.91
CA ASP A 227 12.84 -2.68 13.54
C ASP A 227 13.61 -3.48 12.52
N SER A 228 14.58 -4.27 12.98
CA SER A 228 15.42 -5.07 12.10
C SER A 228 14.63 -6.24 11.53
N LEU A 229 14.92 -6.57 10.27
CA LEU A 229 14.17 -7.55 9.48
C LEU A 229 14.18 -8.96 10.05
N ILE A 230 15.21 -9.26 10.84
CA ILE A 230 15.34 -10.57 11.47
C ILE A 230 14.18 -10.95 12.40
N GLN A 231 13.41 -9.97 12.84
CA GLN A 231 12.26 -10.19 13.71
C GLN A 231 10.94 -10.40 12.95
N TYR A 232 10.97 -10.28 11.62
CA TYR A 232 9.74 -10.29 10.82
C TYR A 232 9.65 -11.49 9.93
N TRP A 233 8.43 -12.03 9.80
CA TRP A 233 8.18 -13.28 9.12
C TRP A 233 7.00 -13.18 8.16
N ASN A 234 7.17 -13.72 6.96
CA ASN A 234 6.08 -13.93 6.06
C ASN A 234 5.46 -15.27 6.36
N ILE A 235 4.17 -15.28 6.66
CA ILE A 235 3.46 -16.52 6.97
C ILE A 235 2.61 -16.88 5.76
N ASN A 236 2.88 -18.03 5.15
CA ASN A 236 2.16 -18.45 3.94
C ASN A 236 1.85 -19.92 3.99
N TYR A 237 0.89 -20.32 3.17
CA TYR A 237 0.55 -21.73 3.07
C TYR A 237 1.62 -22.49 2.32
N LEU A 238 1.83 -23.74 2.72
CA LEU A 238 2.63 -24.70 1.97
C LEU A 238 2.12 -24.72 0.53
N ASP A 239 3.04 -24.88 -0.42
CA ASP A 239 2.75 -24.59 -1.84
C ASP A 239 1.41 -25.11 -2.34
N ASN A 240 0.98 -26.28 -1.85
CA ASN A 240 -0.26 -26.88 -2.34
C ASN A 240 -1.12 -27.47 -1.21
N ASP A 241 -1.08 -26.84 -0.04
CA ASP A 241 -1.71 -27.36 1.16
C ASP A 241 -2.07 -26.21 2.11
N ALA A 242 -3.37 -25.96 2.25
CA ALA A 242 -3.86 -24.87 3.11
C ALA A 242 -4.00 -25.27 4.56
N SER A 243 -3.54 -26.47 4.92
CA SER A 243 -3.54 -26.91 6.32
C SER A 243 -2.19 -26.66 6.97
N LYS A 244 -1.16 -26.41 6.14
CA LYS A 244 0.21 -26.28 6.61
C LYS A 244 0.85 -24.95 6.17
N TYR A 245 1.81 -24.48 6.97
CA TYR A 245 2.41 -23.16 6.80
C TYR A 245 3.92 -23.24 6.71
N ILE A 246 4.47 -22.24 6.02
CA ILE A 246 5.90 -21.97 5.95
C ILE A 246 6.07 -20.53 6.43
N LEU A 247 7.13 -20.29 7.19
CA LEU A 247 7.42 -18.96 7.71
C LEU A 247 8.80 -18.50 7.19
N TYR A 248 8.80 -17.53 6.28
CA TYR A 248 10.04 -16.98 5.72
C TYR A 248 10.51 -15.83 6.59
N ASN A 249 11.81 -15.75 6.84
CA ASN A 249 12.34 -14.62 7.59
C ASN A 249 12.63 -13.47 6.65
N LEU A 250 12.25 -12.26 7.06
CA LEU A 250 12.32 -11.11 6.16
C LEU A 250 13.75 -10.67 5.85
N GLN A 251 14.71 -11.01 6.73
CA GLN A 251 16.11 -10.70 6.48
C GLN A 251 16.65 -11.43 5.25
N ASP A 252 16.07 -12.57 4.91
CA ASP A 252 16.47 -13.34 3.76
C ASP A 252 15.34 -14.29 3.39
N THR A 253 14.56 -13.92 2.38
CA THR A 253 13.29 -14.59 2.07
C THR A 253 13.48 -15.92 1.33
N ASN A 254 14.72 -16.35 1.17
CA ASN A 254 15.02 -17.74 0.80
C ASN A 254 15.21 -18.61 2.05
N ARG A 255 15.20 -18.00 3.23
CA ARG A 255 15.37 -18.73 4.50
C ARG A 255 14.06 -18.81 5.29
N VAL A 256 13.88 -19.91 6.01
CA VAL A 256 12.62 -20.23 6.70
C VAL A 256 12.84 -20.79 8.09
N LEU A 257 11.78 -20.78 8.89
CA LEU A 257 11.77 -21.38 10.23
C LEU A 257 11.87 -22.90 10.06
N ASP A 258 12.85 -23.50 10.72
CA ASP A 258 13.31 -24.86 10.40
C ASP A 258 13.69 -25.65 11.66
N VAL A 259 13.26 -26.91 11.74
CA VAL A 259 13.62 -27.78 12.86
C VAL A 259 14.97 -28.44 12.56
N TYR A 260 15.96 -28.19 13.42
CA TYR A 260 17.35 -28.60 13.17
C TYR A 260 17.47 -30.11 12.93
N ASN A 261 18.02 -30.47 11.77
CA ASN A 261 18.22 -31.86 11.35
C ASN A 261 16.97 -32.74 11.39
N SER A 262 15.79 -32.12 11.29
CA SER A 262 14.49 -32.81 11.41
C SER A 262 14.38 -33.74 12.63
N GLN A 263 15.10 -33.43 13.70
CA GLN A 263 14.96 -34.17 14.97
C GLN A 263 13.61 -33.81 15.60
N ILE A 264 13.02 -34.74 16.35
CA ILE A 264 11.73 -34.49 17.02
C ILE A 264 11.84 -34.40 18.54
N ALA A 265 13.02 -34.70 19.09
CA ALA A 265 13.20 -34.81 20.53
C ALA A 265 12.99 -33.47 21.23
N ASN A 266 12.36 -33.51 22.40
CA ASN A 266 12.21 -32.33 23.24
C ASN A 266 13.54 -31.62 23.30
N GLY A 267 13.53 -30.31 23.02
CA GLY A 267 14.75 -29.52 23.09
C GLY A 267 15.50 -29.35 21.78
N THR A 268 15.10 -30.05 20.73
CA THR A 268 15.73 -29.85 19.42
C THR A 268 15.65 -28.38 19.04
N HIS A 269 16.78 -27.82 18.57
CA HIS A 269 16.84 -26.42 18.21
C HIS A 269 15.95 -26.09 17.02
N VAL A 270 15.27 -24.94 17.10
CA VAL A 270 14.61 -24.39 15.93
C VAL A 270 15.53 -23.29 15.41
N ILE A 271 15.71 -23.28 14.09
CA ILE A 271 16.68 -22.41 13.43
C ILE A 271 16.07 -21.70 12.21
N VAL A 272 16.87 -20.87 11.56
CA VAL A 272 16.55 -20.37 10.24
C VAL A 272 17.49 -21.00 9.23
N ASP A 273 16.91 -21.64 8.21
CA ASP A 273 17.63 -22.46 7.22
C ASP A 273 17.10 -22.17 5.81
N SER A 274 17.90 -22.50 4.79
CA SER A 274 17.48 -22.37 3.39
C SER A 274 16.22 -23.18 3.08
N TYR A 275 15.31 -22.60 2.30
CA TYR A 275 14.08 -23.27 1.94
C TYR A 275 14.32 -24.53 1.09
N HIS A 276 13.66 -25.62 1.47
CA HIS A 276 13.53 -26.82 0.63
C HIS A 276 12.10 -27.35 0.58
N GLY A 277 11.22 -26.86 1.46
CA GLY A 277 9.84 -27.34 1.53
C GLY A 277 9.62 -28.67 2.24
N ASN A 278 10.67 -29.21 2.85
CA ASN A 278 10.58 -30.49 3.56
C ASN A 278 9.75 -30.38 4.87
N THR A 279 9.42 -31.52 5.47
CA THR A 279 8.52 -31.53 6.64
C THR A 279 9.04 -30.75 7.86
N ASN A 280 10.37 -30.60 7.96
CA ASN A 280 10.98 -29.87 9.07
C ASN A 280 10.87 -28.35 8.95
N GLN A 281 10.31 -27.87 7.83
CA GLN A 281 10.07 -26.45 7.60
C GLN A 281 8.58 -26.18 7.43
N GLN A 282 7.76 -27.17 7.79
CA GLN A 282 6.33 -27.06 7.68
C GLN A 282 5.70 -27.03 9.07
N TRP A 283 4.78 -26.10 9.28
CA TRP A 283 4.21 -25.83 10.60
C TRP A 283 2.68 -25.86 10.57
N ILE A 284 2.09 -26.31 11.66
CA ILE A 284 0.65 -26.28 11.83
C ILE A 284 0.36 -25.19 12.84
N ILE A 285 -0.44 -24.21 12.43
CA ILE A 285 -0.77 -23.12 13.31
C ILE A 285 -2.24 -23.21 13.68
N ASN A 286 -2.51 -23.16 14.97
CA ASN A 286 -3.86 -23.17 15.49
C ASN A 286 -4.05 -22.13 16.56
N LEU A 287 -5.25 -21.54 16.60
CA LEU A 287 -5.65 -20.64 17.68
C LEU A 287 -5.70 -21.45 18.97
N ILE A 288 -5.30 -20.83 20.07
CA ILE A 288 -5.30 -21.46 21.38
C ILE A 288 -6.72 -21.68 21.91
N TRP B 1 8.71 -8.05 -1.72
CA TRP B 1 8.92 -6.85 -0.86
C TRP B 1 10.39 -6.47 -0.81
N ILE B 2 10.63 -5.17 -0.66
CA ILE B 2 11.96 -4.63 -0.46
C ILE B 2 11.88 -3.40 0.47
N MET B 3 13.00 -3.08 1.14
CA MET B 3 13.07 -1.93 2.06
C MET B 3 12.60 -0.61 1.44
N SER B 4 13.00 -0.40 0.18
CA SER B 4 12.68 0.82 -0.60
C SER B 4 11.19 1.00 -0.95
N GLN B 5 10.38 -0.04 -0.76
CA GLN B 5 8.95 0.00 -1.12
C GLN B 5 8.19 1.05 -0.32
N THR B 6 7.19 1.67 -0.93
CA THR B 6 6.41 2.74 -0.26
C THR B 6 4.96 2.81 -0.73
N ASN B 7 4.08 3.20 0.18
CA ASN B 7 2.70 3.56 -0.17
C ASN B 7 2.48 5.07 -0.42
N ALA B 8 3.56 5.87 -0.38
CA ALA B 8 3.44 7.32 -0.53
C ALA B 8 2.88 7.74 -1.89
N ASN B 9 3.16 6.94 -2.91
CA ASN B 9 2.66 7.22 -4.26
C ASN B 9 1.26 6.66 -4.54
N ASP B 10 0.61 6.09 -3.53
CA ASP B 10 -0.73 5.53 -3.75
C ASP B 10 -1.77 6.60 -4.11
N LEU B 11 -2.82 6.16 -4.82
CA LEU B 11 -3.79 7.06 -5.44
C LEU B 11 -4.83 7.60 -4.44
N ARG B 12 -4.34 8.36 -3.48
CA ARG B 12 -5.17 8.97 -2.45
C ARG B 12 -5.89 10.19 -2.98
N ASN B 13 -7.11 10.39 -2.50
CA ASN B 13 -7.88 11.58 -2.81
C ASN B 13 -7.07 12.81 -2.41
N ASN B 14 -7.13 13.83 -3.28
CA ASN B 14 -6.48 15.12 -3.08
C ASN B 14 -4.93 15.15 -3.14
N GLU B 15 -4.27 14.04 -3.45
CA GLU B 15 -2.81 14.07 -3.61
C GLU B 15 -2.48 14.56 -5.00
N VAL B 16 -1.24 15.00 -5.18
CA VAL B 16 -0.79 15.68 -6.38
C VAL B 16 0.38 14.91 -6.95
N PHE B 17 0.36 14.65 -8.26
CA PHE B 17 1.28 13.72 -8.90
C PHE B 17 1.94 14.23 -10.18
N PHE B 18 3.14 13.71 -10.44
CA PHE B 18 3.70 13.68 -11.78
C PHE B 18 3.19 12.37 -12.39
N ILE B 19 2.73 12.44 -13.64
CA ILE B 19 2.24 11.29 -14.35
C ILE B 19 3.10 11.05 -15.57
N SER B 20 3.82 9.94 -15.59
CA SER B 20 4.66 9.59 -16.73
C SER B 20 4.30 8.22 -17.28
N PRO B 21 4.51 8.03 -18.59
CA PRO B 21 4.32 6.70 -19.14
C PRO B 21 5.35 5.74 -18.56
N SER B 22 4.99 4.47 -18.43
CA SER B 22 5.80 3.53 -17.65
C SER B 22 7.16 3.17 -18.29
N ASN B 23 7.36 3.45 -19.58
CA ASN B 23 8.73 3.42 -20.12
C ASN B 23 9.57 4.65 -19.72
N ASN B 24 8.92 5.71 -19.23
CA ASN B 24 9.60 6.87 -18.67
C ASN B 24 9.15 7.27 -17.26
N THR B 25 10.13 7.64 -16.43
CA THR B 25 9.91 8.45 -15.24
C THR B 25 10.16 9.92 -15.63
N ASN B 26 11.01 10.14 -16.64
CA ASN B 26 11.22 11.49 -17.17
C ASN B 26 10.64 11.68 -18.55
N LYS B 27 9.33 11.71 -18.58
CA LYS B 27 8.56 12.44 -19.56
C LYS B 27 7.20 12.45 -18.93
N VAL B 28 6.65 13.64 -18.71
CA VAL B 28 5.51 13.78 -17.84
C VAL B 28 4.39 14.51 -18.52
N LEU B 29 3.17 14.21 -18.09
CA LEU B 29 1.99 14.89 -18.58
C LEU B 29 2.15 16.37 -18.24
N ASP B 30 1.78 17.23 -19.18
CA ASP B 30 2.14 18.64 -19.09
C ASP B 30 1.12 19.48 -19.85
N LYS B 31 0.49 20.42 -19.14
CA LYS B 31 -0.36 21.42 -19.78
C LYS B 31 0.54 22.47 -20.43
N ILE B 32 0.65 22.41 -21.75
CA ILE B 32 1.58 23.26 -22.49
C ILE B 32 0.89 24.41 -23.23
N SER B 33 -0.43 24.44 -23.19
CA SER B 33 -1.21 25.54 -23.72
C SER B 33 -2.45 25.66 -22.85
N GLN B 34 -3.38 26.51 -23.25
CA GLN B 34 -4.60 26.73 -22.47
C GLN B 34 -5.55 25.52 -22.51
N SER B 35 -5.41 24.68 -23.54
CA SER B 35 -6.22 23.47 -23.64
C SER B 35 -5.41 22.21 -23.95
N GLU B 36 -4.15 22.34 -24.36
CA GLU B 36 -3.37 21.21 -24.85
C GLU B 36 -2.56 20.54 -23.73
N VAL B 37 -2.55 19.22 -23.74
CA VAL B 37 -1.65 18.45 -22.87
C VAL B 37 -0.72 17.61 -23.73
N LYS B 38 0.55 17.59 -23.39
CA LYS B 38 1.51 16.74 -24.07
C LYS B 38 2.51 16.18 -23.07
N LEU B 39 3.21 15.14 -23.49
CA LEU B 39 4.38 14.71 -22.77
C LEU B 39 5.50 15.71 -22.97
N TRP B 40 6.22 15.99 -21.89
CA TRP B 40 7.34 16.89 -21.94
C TRP B 40 8.43 16.41 -21.00
N ASN B 41 9.68 16.78 -21.29
CA ASN B 41 10.76 16.55 -20.35
C ASN B 41 10.38 17.08 -18.97
N LYS B 42 10.78 16.38 -17.93
CA LYS B 42 10.37 16.70 -16.58
C LYS B 42 11.06 17.98 -16.14
N LEU B 43 10.27 18.98 -15.75
CA LEU B 43 10.80 20.24 -15.19
C LEU B 43 10.26 20.51 -13.79
N SER B 44 9.47 19.57 -13.26
CA SER B 44 8.87 19.68 -11.92
C SER B 44 8.12 20.98 -11.65
N GLY B 45 7.56 21.59 -12.69
CA GLY B 45 6.77 22.83 -12.55
C GLY B 45 5.29 22.53 -12.34
N ALA B 46 4.48 23.58 -12.18
CA ALA B 46 3.08 23.42 -11.74
C ALA B 46 2.13 22.86 -12.80
N ASN B 47 2.43 23.06 -14.08
CA ASN B 47 1.58 22.46 -15.14
C ASN B 47 2.05 21.06 -15.55
N GLN B 48 2.98 20.51 -14.79
CA GLN B 48 3.32 19.10 -14.83
C GLN B 48 2.80 18.38 -13.58
N LYS B 49 2.01 19.08 -12.76
CA LYS B 49 1.50 18.52 -11.50
C LYS B 49 -0.02 18.36 -11.54
N TRP B 50 -0.52 17.21 -11.08
CA TRP B 50 -1.91 16.84 -11.25
C TRP B 50 -2.54 16.38 -9.95
N ARG B 51 -3.66 17.00 -9.55
CA ARG B 51 -4.36 16.63 -8.33
C ARG B 51 -5.52 15.69 -8.66
N LEU B 52 -5.59 14.58 -7.90
CA LEU B 52 -6.68 13.63 -8.02
C LEU B 52 -7.82 14.05 -7.12
N ILE B 53 -9.01 14.14 -7.70
CA ILE B 53 -10.25 14.40 -6.94
C ILE B 53 -11.18 13.21 -7.14
N TYR B 54 -11.36 12.42 -6.09
CA TYR B 54 -12.15 11.19 -6.18
C TYR B 54 -13.63 11.46 -6.01
N ASP B 55 -14.44 10.70 -6.75
CA ASP B 55 -15.90 10.77 -6.66
C ASP B 55 -16.40 9.39 -6.22
N THR B 56 -17.00 9.33 -5.04
CA THR B 56 -17.36 8.04 -4.41
C THR B 56 -18.46 7.28 -5.13
N ASN B 57 -19.49 7.98 -5.62
CA ASN B 57 -20.58 7.32 -6.36
C ASN B 57 -20.08 6.70 -7.67
N LYS B 58 -19.27 7.45 -8.41
CA LYS B 58 -18.69 6.95 -9.65
C LYS B 58 -17.54 5.97 -9.39
N GLN B 59 -16.95 6.06 -8.22
CA GLN B 59 -15.71 5.36 -7.88
C GLN B 59 -14.62 5.69 -8.90
N ALA B 60 -14.59 6.96 -9.28
CA ALA B 60 -13.69 7.45 -10.33
C ALA B 60 -13.14 8.83 -9.96
N TYR B 61 -12.09 9.24 -10.67
CA TYR B 61 -11.38 10.45 -10.36
C TYR B 61 -11.41 11.49 -11.46
N LYS B 62 -11.42 12.75 -11.05
CA LYS B 62 -11.02 13.85 -11.92
C LYS B 62 -9.52 14.04 -11.74
N ILE B 63 -8.84 14.45 -12.80
CA ILE B 63 -7.41 14.69 -12.79
C ILE B 63 -7.19 16.18 -13.15
N LYS B 64 -6.82 16.97 -12.15
CA LYS B 64 -6.83 18.43 -12.22
C LYS B 64 -5.43 19.02 -12.22
N VAL B 65 -5.13 19.90 -13.17
CA VAL B 65 -3.78 20.48 -13.23
C VAL B 65 -3.61 21.54 -12.13
N MET B 66 -2.40 21.61 -11.59
CA MET B 66 -2.10 22.38 -10.38
C MET B 66 -1.47 23.74 -10.62
N ASP B 67 -1.72 24.36 -11.77
CA ASP B 67 -1.00 25.62 -12.08
C ASP B 67 -1.79 26.88 -11.70
N ASN B 68 -2.90 26.72 -10.97
CA ASN B 68 -3.88 27.78 -10.62
C ASN B 68 -4.96 28.16 -11.66
N THR B 69 -5.28 27.20 -12.53
CA THR B 69 -6.35 27.36 -13.54
C THR B 69 -7.58 26.49 -13.25
N SER B 70 -7.39 25.39 -12.51
CA SER B 70 -8.50 24.47 -12.15
C SER B 70 -9.19 23.76 -13.34
N LEU B 71 -8.47 23.61 -14.46
CA LEU B 71 -8.92 22.83 -15.62
C LEU B 71 -8.67 21.34 -15.38
N ILE B 72 -9.42 20.44 -16.03
CA ILE B 72 -9.24 18.99 -15.79
C ILE B 72 -9.05 18.13 -17.05
N LEU B 73 -8.33 17.01 -16.88
CA LEU B 73 -8.04 16.11 -18.00
C LEU B 73 -9.35 15.53 -18.57
N THR B 74 -9.54 15.73 -19.87
CA THR B 74 -10.83 15.51 -20.53
C THR B 74 -10.66 14.73 -21.83
N TRP B 75 -11.29 13.58 -21.93
CA TRP B 75 -11.31 12.85 -23.20
C TRP B 75 -12.22 13.58 -24.18
N ASN B 76 -11.68 14.00 -25.32
CA ASN B 76 -12.44 14.74 -26.31
C ASN B 76 -13.33 13.79 -27.11
N ALA B 77 -14.31 13.20 -26.44
CA ALA B 77 -15.23 12.27 -27.08
C ALA B 77 -15.98 13.02 -28.17
N PRO B 78 -16.23 12.35 -29.31
CA PRO B 78 -15.98 10.95 -29.62
C PRO B 78 -14.69 10.73 -30.41
N LEU B 79 -13.82 11.74 -30.47
CA LEU B 79 -12.53 11.58 -31.12
C LEU B 79 -11.57 10.86 -30.16
N SER B 80 -10.32 10.69 -30.58
CA SER B 80 -9.33 9.96 -29.79
C SER B 80 -8.42 10.86 -28.94
N SER B 81 -8.61 12.17 -28.97
CA SER B 81 -7.67 13.09 -28.32
C SER B 81 -8.08 13.42 -26.88
N VAL B 82 -7.10 13.89 -26.10
CA VAL B 82 -7.32 14.41 -24.76
C VAL B 82 -6.91 15.90 -24.70
N SER B 83 -7.53 16.62 -23.77
CA SER B 83 -7.23 18.03 -23.55
C SER B 83 -7.44 18.36 -22.08
N VAL B 84 -7.18 19.59 -21.68
CA VAL B 84 -7.67 20.09 -20.39
C VAL B 84 -8.84 21.07 -20.64
N LYS B 85 -9.96 20.83 -19.96
CA LYS B 85 -11.17 21.64 -20.13
C LYS B 85 -11.82 21.98 -18.80
N THR B 86 -12.67 23.01 -18.84
CA THR B 86 -13.47 23.41 -17.70
C THR B 86 -14.23 22.22 -17.14
N ASP B 87 -14.25 22.12 -15.82
CA ASP B 87 -14.92 21.03 -15.13
C ASP B 87 -16.41 21.25 -15.19
N THR B 88 -17.09 20.47 -16.04
CA THR B 88 -18.56 20.43 -16.09
C THR B 88 -19.09 19.07 -15.61
N ASN B 89 -18.24 18.32 -14.91
CA ASN B 89 -18.67 17.08 -14.28
C ASN B 89 -19.03 15.97 -15.28
N GLY B 90 -18.70 16.18 -16.56
CA GLY B 90 -19.06 15.24 -17.61
C GLY B 90 -18.38 13.90 -17.41
N ASP B 91 -19.05 12.85 -17.84
CA ASP B 91 -18.52 11.49 -17.71
C ASP B 91 -17.17 11.34 -18.38
N ASN B 92 -16.96 12.06 -19.48
CA ASN B 92 -15.68 12.03 -20.21
C ASN B 92 -14.55 12.70 -19.44
N GLN B 93 -14.88 13.38 -18.35
CA GLN B 93 -13.88 14.04 -17.50
C GLN B 93 -13.52 13.22 -16.24
N TYR B 94 -14.05 11.99 -16.16
CA TYR B 94 -13.75 11.08 -15.06
C TYR B 94 -12.96 9.87 -15.54
N TRP B 95 -12.11 9.34 -14.66
CA TRP B 95 -11.18 8.28 -15.01
C TRP B 95 -11.09 7.23 -13.92
N TYR B 96 -11.16 5.96 -14.32
CA TYR B 96 -10.88 4.86 -13.40
C TYR B 96 -9.37 4.77 -13.27
N LEU B 97 -8.87 4.93 -12.06
CA LEU B 97 -7.45 4.78 -11.79
C LEU B 97 -7.26 3.53 -10.93
N LEU B 98 -6.66 2.51 -11.51
CA LEU B 98 -6.47 1.25 -10.81
C LEU B 98 -5.02 0.85 -10.95
N GLN B 99 -4.46 0.38 -9.84
CA GLN B 99 -3.04 0.11 -9.75
C GLN B 99 -2.71 -1.37 -9.67
N ASN B 100 -1.69 -1.77 -10.42
CA ASN B 100 -1.06 -3.07 -10.28
C ASN B 100 -0.11 -2.95 -9.10
N TYR B 101 -0.32 -3.77 -8.08
CA TYR B 101 0.43 -3.66 -6.82
C TYR B 101 1.93 -3.94 -6.97
N ILE B 102 2.27 -4.88 -7.84
CA ILE B 102 3.65 -5.33 -7.97
C ILE B 102 4.46 -4.36 -8.82
N SER B 103 3.96 -4.05 -10.02
CA SER B 103 4.65 -3.17 -10.96
C SER B 103 4.56 -1.70 -10.59
N ARG B 104 3.53 -1.34 -9.81
CA ARG B 104 3.17 0.04 -9.50
C ARG B 104 2.58 0.82 -10.68
N ASN B 105 2.31 0.14 -11.77
CA ASN B 105 1.72 0.78 -12.93
C ASN B 105 0.24 1.02 -12.73
N VAL B 106 -0.24 2.07 -13.39
CA VAL B 106 -1.63 2.48 -13.32
C VAL B 106 -2.20 2.61 -14.73
N ILE B 107 -3.41 2.11 -14.92
CA ILE B 107 -4.14 2.29 -16.15
C ILE B 107 -5.07 3.44 -15.91
N ILE B 108 -5.09 4.38 -16.86
CA ILE B 108 -5.94 5.55 -16.78
C ILE B 108 -7.09 5.33 -17.75
N ARG B 109 -8.18 4.79 -17.20
CA ARG B 109 -9.29 4.27 -17.96
C ARG B 109 -10.43 5.26 -17.93
N ASN B 110 -10.97 5.62 -19.08
CA ASN B 110 -12.03 6.61 -19.08
C ASN B 110 -13.31 6.10 -18.44
N TYR B 111 -13.95 6.95 -17.66
CA TYR B 111 -15.21 6.58 -17.03
C TYR B 111 -16.33 6.45 -18.08
N MET B 112 -16.44 7.41 -18.99
CA MET B 112 -17.56 7.40 -19.96
C MET B 112 -17.58 6.15 -20.82
N ASN B 113 -16.41 5.71 -21.25
CA ASN B 113 -16.26 4.46 -21.97
C ASN B 113 -15.03 3.70 -21.45
N PRO B 114 -15.24 2.77 -20.50
CA PRO B 114 -14.15 2.06 -19.81
C PRO B 114 -13.41 1.05 -20.69
N ASN B 115 -13.92 0.86 -21.90
CA ASN B 115 -13.17 0.21 -22.93
C ASN B 115 -11.92 0.98 -23.35
N LEU B 116 -11.89 2.29 -23.14
CA LEU B 116 -10.80 3.13 -23.64
C LEU B 116 -9.81 3.53 -22.55
N VAL B 117 -8.53 3.41 -22.86
CA VAL B 117 -7.47 3.78 -21.93
C VAL B 117 -6.55 4.83 -22.53
N LEU B 118 -6.10 5.76 -21.70
CA LEU B 118 -5.11 6.76 -22.10
C LEU B 118 -3.83 6.02 -22.47
N GLN B 119 -3.20 6.46 -23.57
CA GLN B 119 -1.96 5.86 -24.04
C GLN B 119 -1.19 6.84 -24.93
N TYR B 120 0.09 6.60 -25.10
CA TYR B 120 0.97 7.59 -25.71
C TYR B 120 1.47 7.19 -27.08
N ASN B 121 1.66 8.21 -27.92
CA ASN B 121 2.26 8.07 -29.24
C ASN B 121 3.69 8.58 -29.24
N ILE B 122 4.44 8.12 -30.23
CA ILE B 122 5.81 8.58 -30.48
C ILE B 122 5.93 10.12 -30.39
N ASP B 123 4.97 10.83 -30.97
CA ASP B 123 5.03 12.30 -31.07
C ASP B 123 4.64 13.08 -29.78
N ASP B 124 4.60 12.39 -28.64
CA ASP B 124 4.38 13.01 -27.30
C ASP B 124 2.96 13.51 -27.03
N THR B 125 2.07 13.34 -28.00
CA THR B 125 0.66 13.58 -27.76
C THR B 125 0.03 12.29 -27.26
N LEU B 126 -1.11 12.43 -26.63
CA LEU B 126 -1.81 11.32 -26.04
C LEU B 126 -3.05 10.99 -26.86
N MET B 127 -3.52 9.76 -26.71
CA MET B 127 -4.82 9.37 -27.26
C MET B 127 -5.54 8.48 -26.27
N VAL B 128 -6.85 8.46 -26.36
CA VAL B 128 -7.65 7.46 -25.68
C VAL B 128 -8.10 6.48 -26.76
N SER B 129 -7.78 5.20 -26.57
CA SER B 129 -8.10 4.17 -27.53
C SER B 129 -8.30 2.85 -26.80
N THR B 130 -8.78 1.83 -27.51
CA THR B 130 -9.02 0.52 -26.94
C THR B 130 -7.71 -0.13 -26.47
N GLN B 131 -7.82 -0.94 -25.43
CA GLN B 131 -6.67 -1.51 -24.73
C GLN B 131 -6.08 -2.70 -25.48
N THR B 132 -4.78 -2.90 -25.29
CA THR B 132 -4.05 -4.08 -25.77
C THR B 132 -3.14 -4.58 -24.62
N SER B 133 -2.08 -5.33 -24.92
CA SER B 133 -1.14 -5.79 -23.87
C SER B 133 0.21 -5.06 -23.85
N SER B 134 0.49 -4.25 -24.86
CA SER B 134 1.75 -3.48 -24.93
C SER B 134 1.86 -2.50 -23.76
N SER B 135 3.08 -2.04 -23.49
CA SER B 135 3.36 -1.23 -22.30
C SER B 135 2.86 0.22 -22.40
N ASN B 136 2.45 0.63 -23.62
CA ASN B 136 2.06 2.02 -23.92
C ASN B 136 0.81 2.55 -23.23
N GLN B 137 0.11 1.70 -22.49
CA GLN B 137 -1.07 2.12 -21.76
C GLN B 137 -0.86 2.16 -20.25
N PHE B 138 0.35 1.84 -19.78
CA PHE B 138 0.67 1.90 -18.35
C PHE B 138 1.35 3.21 -17.98
N PHE B 139 1.00 3.75 -16.81
CA PHE B 139 1.61 4.97 -16.29
C PHE B 139 2.09 4.80 -14.86
N LYS B 140 3.09 5.58 -14.48
CA LYS B 140 3.54 5.67 -13.11
C LYS B 140 3.14 7.01 -12.52
N PHE B 141 2.67 6.98 -11.28
CA PHE B 141 2.19 8.17 -10.57
C PHE B 141 3.19 8.42 -9.45
N SER B 142 3.85 9.58 -9.50
CA SER B 142 4.81 9.91 -8.45
C SER B 142 4.26 11.06 -7.63
N ASN B 143 4.07 10.84 -6.34
CA ASN B 143 3.67 11.92 -5.44
C ASN B 143 4.75 13.01 -5.40
N CYS B 144 4.37 14.21 -5.85
CA CYS B 144 5.31 15.31 -6.00
C CYS B 144 6.00 15.69 -4.71
N ILE B 145 5.20 15.80 -3.64
CA ILE B 145 5.68 16.26 -2.35
C ILE B 145 6.60 15.21 -1.70
N TYR B 146 6.24 13.93 -1.80
CA TYR B 146 7.11 12.87 -1.35
C TYR B 146 8.43 12.93 -2.10
N GLU B 147 8.37 13.03 -3.42
CA GLU B 147 9.60 13.04 -4.23
C GLU B 147 10.53 14.19 -3.83
N ALA B 148 9.98 15.38 -3.61
CA ALA B 148 10.81 16.55 -3.30
C ALA B 148 11.28 16.56 -1.85
N LEU B 149 10.40 16.23 -0.91
CA LEU B 149 10.69 16.48 0.52
C LEU B 149 11.14 15.27 1.33
N ASN B 150 10.79 14.05 0.95
CA ASN B 150 11.08 12.91 1.83
C ASN B 150 12.57 12.76 2.16
N ASN B 151 12.86 12.51 3.44
CA ASN B 151 14.21 12.24 3.93
C ASN B 151 15.16 13.44 3.74
N ARG B 152 14.61 14.64 3.61
CA ARG B 152 15.44 15.81 3.34
C ARG B 152 15.36 16.85 4.45
N ASN B 153 16.49 17.51 4.65
CA ASN B 153 16.64 18.60 5.59
C ASN B 153 16.01 19.84 4.96
N CYS B 154 15.04 20.44 5.66
CA CYS B 154 14.26 21.54 5.13
C CYS B 154 14.08 22.69 6.13
N LYS B 155 13.76 23.86 5.60
CA LYS B 155 13.39 25.02 6.39
C LYS B 155 12.00 25.39 5.92
N LEU B 156 11.17 25.84 6.85
CA LEU B 156 9.78 26.16 6.61
C LEU B 156 9.51 27.59 7.05
N GLN B 157 8.89 28.41 6.20
CA GLN B 157 8.59 29.79 6.55
C GLN B 157 7.15 30.18 6.23
N THR B 158 6.61 31.12 7.00
CA THR B 158 5.26 31.58 6.75
C THR B 158 5.15 32.48 5.51
N GLN B 159 4.01 32.41 4.84
CA GLN B 159 3.72 33.28 3.71
C GLN B 159 3.49 34.74 4.16
N LEU B 160 3.30 34.95 5.46
CA LEU B 160 2.99 36.28 6.00
C LEU B 160 4.04 37.36 5.72
N ASN B 161 5.32 37.00 5.73
CA ASN B 161 6.39 37.98 5.61
C ASN B 161 7.66 37.21 5.26
N SER B 162 8.60 37.83 4.54
CA SER B 162 9.65 37.10 3.78
C SER B 162 10.77 36.35 4.51
N ASP B 163 10.89 36.53 5.80
CA ASP B 163 11.98 35.91 6.54
C ASP B 163 11.51 35.63 7.96
N ARG B 164 10.50 34.79 8.08
CA ARG B 164 10.02 34.33 9.38
C ARG B 164 9.89 32.82 9.32
N PHE B 165 10.84 32.13 9.95
CA PHE B 165 10.95 30.68 9.87
C PHE B 165 10.47 29.98 11.13
N LEU B 166 9.93 28.77 10.92
CA LEU B 166 9.61 27.81 11.97
C LEU B 166 10.89 27.45 12.75
N SER B 167 10.91 27.77 14.04
CA SER B 167 12.11 27.66 14.86
C SER B 167 11.76 27.17 16.28
N LYS B 168 12.50 26.16 16.75
CA LYS B 168 12.45 25.81 18.17
C LYS B 168 13.11 26.97 18.91
N ASN B 169 12.52 27.38 20.02
CA ASN B 169 13.08 28.49 20.76
C ASN B 169 14.29 28.05 21.57
N LEU B 170 15.12 29.00 21.98
CA LEU B 170 16.35 28.69 22.74
C LEU B 170 15.99 28.15 24.13
N ASN B 171 16.61 27.05 24.50
CA ASN B 171 16.35 26.41 25.81
C ASN B 171 14.86 26.25 26.11
N SER B 172 14.09 25.84 25.10
CA SER B 172 12.65 25.63 25.22
C SER B 172 12.25 24.60 24.17
N GLN B 173 11.11 23.95 24.35
CA GLN B 173 10.55 23.05 23.32
C GLN B 173 9.55 23.78 22.42
N ILE B 174 9.22 25.02 22.76
CA ILE B 174 8.16 25.76 22.08
C ILE B 174 8.62 26.23 20.70
N ILE B 175 7.76 26.06 19.69
CA ILE B 175 8.08 26.46 18.31
C ILE B 175 7.49 27.83 18.04
N VAL B 176 8.34 28.70 17.50
CA VAL B 176 7.96 30.09 17.22
C VAL B 176 8.46 30.52 15.83
N LEU B 177 7.98 31.65 15.36
CA LEU B 177 8.59 32.30 14.20
C LEU B 177 9.86 33.01 14.62
N TRP B 178 10.88 32.91 13.78
CA TRP B 178 12.09 33.71 13.96
C TRP B 178 12.77 33.93 12.61
N GLN B 179 13.43 35.06 12.49
CA GLN B 179 14.26 35.37 11.34
C GLN B 179 15.37 34.34 11.24
N TRP B 180 15.82 34.09 10.02
CA TRP B 180 16.80 33.06 9.73
C TRP B 180 18.16 33.42 10.30
N PHE B 181 18.75 32.50 11.06
CA PHE B 181 20.18 32.60 11.42
C PHE B 181 20.87 31.25 11.25
N ASP B 182 20.39 30.46 10.30
CA ASP B 182 21.02 29.20 9.93
C ASP B 182 21.23 28.23 11.08
N SER B 183 20.29 28.21 12.03
CA SER B 183 20.41 27.39 13.23
C SER B 183 19.83 26.01 13.02
N SER B 184 20.38 25.04 13.76
CA SER B 184 19.81 23.70 13.81
C SER B 184 18.40 23.73 14.43
N ARG B 185 18.05 24.85 15.08
CA ARG B 185 16.71 25.05 15.59
C ARG B 185 15.71 25.42 14.52
N GLN B 186 16.19 25.70 13.30
CA GLN B 186 15.33 26.09 12.17
C GLN B 186 15.47 25.13 10.99
N LYS B 187 16.01 23.95 11.25
CA LYS B 187 16.22 22.95 10.22
C LYS B 187 15.41 21.72 10.61
N TRP B 188 14.63 21.21 9.66
CA TRP B 188 13.63 20.17 9.92
C TRP B 188 13.73 19.04 8.90
N ILE B 189 13.99 17.84 9.42
CA ILE B 189 14.11 16.65 8.58
C ILE B 189 12.72 16.07 8.40
N ILE B 190 12.25 16.07 7.15
CA ILE B 190 10.91 15.62 6.82
C ILE B 190 10.98 14.15 6.44
N GLU B 191 10.19 13.31 7.12
CA GLU B 191 10.20 11.86 6.89
C GLU B 191 8.79 11.35 6.77
N TYR B 192 8.52 10.60 5.72
CA TYR B 192 7.24 9.97 5.51
C TYR B 192 7.11 8.71 6.35
N ASN B 193 5.94 8.52 6.95
CA ASN B 193 5.66 7.31 7.73
C ASN B 193 4.54 6.48 7.11
N GLU B 194 4.87 5.26 6.72
CA GLU B 194 3.91 4.37 6.04
C GLU B 194 2.71 3.97 6.88
N THR B 195 2.88 3.81 8.20
CA THR B 195 1.76 3.41 9.05
C THR B 195 0.67 4.48 9.08
N LYS B 196 1.09 5.74 9.09
CA LYS B 196 0.18 6.87 9.20
C LYS B 196 -0.16 7.52 7.86
N SER B 197 0.54 7.13 6.79
CA SER B 197 0.51 7.87 5.51
C SER B 197 0.64 9.39 5.73
N ALA B 198 1.68 9.77 6.45
CA ALA B 198 1.86 11.16 6.84
C ALA B 198 3.30 11.39 7.24
N TYR B 199 3.64 12.63 7.57
CA TYR B 199 5.04 13.01 7.79
C TYR B 199 5.30 13.38 9.24
N THR B 200 6.55 13.14 9.66
CA THR B 200 7.10 13.73 10.86
C THR B 200 8.12 14.78 10.44
N LEU B 201 8.34 15.77 11.29
CA LEU B 201 9.35 16.79 11.05
C LEU B 201 10.26 16.88 12.27
N LYS B 202 11.52 16.50 12.09
CA LYS B 202 12.47 16.41 13.19
C LYS B 202 13.42 17.60 13.24
N CYS B 203 13.42 18.29 14.38
CA CYS B 203 14.33 19.39 14.64
C CYS B 203 15.77 18.88 14.76
N GLN B 204 16.69 19.48 14.00
CA GLN B 204 18.09 19.04 13.95
C GLN B 204 18.79 19.26 15.29
N GLU B 205 18.43 20.33 16.00
CA GLU B 205 19.04 20.68 17.30
C GLU B 205 18.86 19.59 18.37
N ASN B 206 17.65 19.06 18.55
CA ASN B 206 17.38 18.09 19.61
C ASN B 206 16.79 16.74 19.18
N ASN B 207 16.66 16.54 17.87
CA ASN B 207 16.16 15.28 17.34
C ASN B 207 14.76 14.92 17.86
N ARG B 208 13.99 15.95 18.17
CA ARG B 208 12.62 15.79 18.63
C ARG B 208 11.70 16.45 17.61
N TYR B 209 10.42 16.09 17.65
CA TYR B 209 9.52 16.24 16.51
C TYR B 209 8.43 17.29 16.66
N LEU B 210 8.16 17.99 15.57
CA LEU B 210 7.03 18.92 15.48
C LEU B 210 5.79 18.21 15.95
N THR B 211 5.20 18.70 17.03
CA THR B 211 4.08 18.02 17.70
C THR B 211 3.07 19.01 18.25
N TRP B 212 1.80 18.68 18.08
CA TRP B 212 0.70 19.48 18.60
C TRP B 212 0.49 19.18 20.09
N ILE B 213 0.67 20.18 20.93
CA ILE B 213 0.41 20.04 22.36
C ILE B 213 -0.97 20.58 22.65
N GLN B 214 -1.89 19.66 22.96
CA GLN B 214 -3.32 19.95 23.04
C GLN B 214 -3.72 20.52 24.39
N ASN B 215 -3.95 21.83 24.41
CA ASN B 215 -4.58 22.50 25.55
C ASN B 215 -5.20 23.81 25.03
N SER B 216 -5.49 24.76 25.91
CA SER B 216 -6.11 26.02 25.47
C SER B 216 -5.15 26.91 24.67
N ASN B 217 -3.84 26.69 24.80
CA ASN B 217 -2.82 27.35 23.95
C ASN B 217 -2.63 26.73 22.56
N ASN B 218 -2.66 25.40 22.49
CA ASN B 218 -2.50 24.66 21.24
C ASN B 218 -1.16 24.93 20.53
N TYR B 219 -0.12 25.13 21.33
CA TYR B 219 1.23 25.32 20.80
C TYR B 219 1.74 24.04 20.16
N VAL B 220 2.48 24.19 19.07
CA VAL B 220 3.29 23.11 18.52
C VAL B 220 4.64 23.22 19.20
N GLU B 221 5.23 22.09 19.54
CA GLU B 221 6.50 22.06 20.26
C GLU B 221 7.32 20.90 19.73
N THR B 222 8.62 20.87 20.01
CA THR B 222 9.38 19.65 19.79
C THR B 222 9.02 18.68 20.91
N TYR B 223 8.78 17.43 20.55
CA TYR B 223 8.34 16.40 21.50
C TYR B 223 8.99 15.06 21.15
N GLN B 224 9.19 14.21 22.15
CA GLN B 224 9.78 12.87 21.95
C GLN B 224 9.02 12.04 20.94
N SER B 225 9.71 11.08 20.36
CA SER B 225 9.09 10.14 19.42
C SER B 225 7.84 9.51 20.04
N THR B 226 6.76 9.48 19.25
CA THR B 226 5.51 8.86 19.67
C THR B 226 4.72 8.42 18.45
N ASP B 227 3.97 7.34 18.57
CA ASP B 227 3.06 6.90 17.51
C ASP B 227 1.70 7.56 17.66
N SER B 228 1.59 8.53 18.56
CA SER B 228 0.35 9.27 18.71
C SER B 228 0.18 10.26 17.54
N LEU B 229 -1.06 10.48 17.13
CA LEU B 229 -1.35 11.19 15.88
C LEU B 229 -0.93 12.67 15.90
N ILE B 230 -0.82 13.25 17.10
CA ILE B 230 -0.40 14.66 17.29
C ILE B 230 0.96 15.03 16.69
N GLN B 231 1.77 14.01 16.40
CA GLN B 231 3.11 14.18 15.89
C GLN B 231 3.19 13.98 14.37
N TYR B 232 2.05 13.72 13.73
CA TYR B 232 2.03 13.41 12.30
C TYR B 232 1.24 14.43 11.50
N TRP B 233 1.74 14.72 10.31
CA TRP B 233 1.22 15.82 9.51
C TRP B 233 1.05 15.42 8.06
N ASN B 234 -0.13 15.70 7.51
CA ASN B 234 -0.35 15.65 6.09
C ASN B 234 0.17 16.96 5.49
N ILE B 235 1.16 16.85 4.62
CA ILE B 235 1.75 18.00 3.95
C ILE B 235 1.17 18.02 2.54
N ASN B 236 0.41 19.04 2.19
CA ASN B 236 -0.15 19.11 0.82
C ASN B 236 -0.05 20.53 0.28
N TYR B 237 -0.19 20.67 -1.04
CA TYR B 237 -0.24 22.00 -1.64
C TYR B 237 -1.58 22.68 -1.37
N LEU B 238 -1.53 24.00 -1.23
CA LEU B 238 -2.73 24.82 -1.16
C LEU B 238 -3.65 24.54 -2.35
N ASP B 239 -4.95 24.69 -2.12
CA ASP B 239 -6.01 24.31 -3.07
C ASP B 239 -5.60 24.37 -4.54
N ASN B 240 -4.98 25.46 -4.95
CA ASN B 240 -4.73 25.72 -6.37
C ASN B 240 -3.35 26.35 -6.63
N ASP B 241 -2.40 26.09 -5.73
CA ASP B 241 -1.07 26.72 -5.76
C ASP B 241 -0.02 25.73 -5.27
N ALA B 242 0.85 25.29 -6.19
CA ALA B 242 1.82 24.22 -5.90
C ALA B 242 3.13 24.71 -5.30
N SER B 243 3.24 26.02 -5.03
CA SER B 243 4.44 26.57 -4.42
C SER B 243 4.22 26.95 -2.95
N LYS B 244 3.02 26.71 -2.42
CA LYS B 244 2.81 26.78 -0.98
C LYS B 244 2.06 25.58 -0.38
N TYR B 245 2.30 25.37 0.92
CA TYR B 245 1.91 24.16 1.62
C TYR B 245 1.00 24.42 2.82
N ILE B 246 0.18 23.44 3.12
CA ILE B 246 -0.66 23.41 4.31
C ILE B 246 -0.26 22.12 5.04
N LEU B 247 -0.07 22.21 6.35
CA LEU B 247 0.26 21.03 7.16
C LEU B 247 -0.90 20.71 8.08
N TYR B 248 -1.62 19.62 7.77
CA TYR B 248 -2.81 19.21 8.54
C TYR B 248 -2.37 18.20 9.59
N ASN B 249 -2.75 18.41 10.85
CA ASN B 249 -2.39 17.47 11.89
C ASN B 249 -3.25 16.21 11.83
N LEU B 250 -2.63 15.05 12.01
CA LEU B 250 -3.34 13.78 11.89
C LEU B 250 -4.32 13.55 13.04
N GLN B 251 -4.13 14.22 14.18
CA GLN B 251 -5.07 14.12 15.30
C GLN B 251 -6.44 14.72 14.96
N ASP B 252 -6.45 15.77 14.13
CA ASP B 252 -7.68 16.34 13.62
C ASP B 252 -7.36 17.06 12.29
N THR B 253 -7.63 16.40 11.17
CA THR B 253 -7.22 16.91 9.86
C THR B 253 -7.98 18.16 9.40
N ASN B 254 -8.94 18.64 10.19
CA ASN B 254 -9.55 19.96 9.98
C ASN B 254 -8.70 21.08 10.60
N ARG B 255 -7.67 20.71 11.34
CA ARG B 255 -6.79 21.70 11.94
C ARG B 255 -5.38 21.64 11.35
N VAL B 256 -4.72 22.79 11.29
CA VAL B 256 -3.47 22.95 10.57
C VAL B 256 -2.42 23.75 11.33
N LEU B 257 -1.17 23.64 10.88
CA LEU B 257 -0.08 24.49 11.35
C LEU B 257 -0.38 25.96 11.06
N ASP B 258 -0.32 26.78 12.10
CA ASP B 258 -0.92 28.13 12.10
C ASP B 258 -0.08 29.15 12.86
N VAL B 259 0.07 30.34 12.27
CA VAL B 259 0.74 31.45 12.92
C VAL B 259 -0.29 32.24 13.70
N TYR B 260 -0.10 32.36 15.00
CA TYR B 260 -1.09 32.99 15.88
C TYR B 260 -1.53 34.37 15.42
N ASN B 261 -2.81 34.52 15.11
CA ASN B 261 -3.42 35.81 14.74
C ASN B 261 -2.62 36.56 13.69
N SER B 262 -2.05 35.82 12.75
CA SER B 262 -1.27 36.37 11.64
C SER B 262 -0.12 37.29 12.07
N GLN B 263 0.40 37.12 13.29
CA GLN B 263 1.51 37.97 13.77
C GLN B 263 2.87 37.54 13.19
N ILE B 264 3.76 38.51 13.00
CA ILE B 264 5.04 38.23 12.32
C ILE B 264 6.27 38.52 13.17
N ALA B 265 6.10 39.11 14.35
CA ALA B 265 7.24 39.42 15.20
C ALA B 265 7.96 38.14 15.61
N ASN B 266 9.28 38.23 15.72
CA ASN B 266 10.10 37.15 16.26
C ASN B 266 9.50 36.68 17.58
N GLY B 267 9.38 35.37 17.75
CA GLY B 267 8.80 34.78 18.97
C GLY B 267 7.28 34.58 18.92
N THR B 268 6.65 34.94 17.81
CA THR B 268 5.22 34.66 17.62
C THR B 268 4.96 33.17 17.65
N HIS B 269 3.97 32.76 18.43
CA HIS B 269 3.66 31.32 18.61
C HIS B 269 3.12 30.72 17.32
N VAL B 270 3.60 29.52 17.03
CA VAL B 270 3.04 28.71 15.98
C VAL B 270 2.14 27.69 16.68
N ILE B 271 0.93 27.54 16.17
CA ILE B 271 -0.10 26.76 16.83
C ILE B 271 -0.74 25.78 15.85
N VAL B 272 -1.72 25.03 16.36
CA VAL B 272 -2.64 24.27 15.51
C VAL B 272 -4.05 24.86 15.69
N ASP B 273 -4.66 25.32 14.60
CA ASP B 273 -5.98 25.95 14.62
C ASP B 273 -6.83 25.42 13.46
N SER B 274 -8.13 25.76 13.45
CA SER B 274 -9.03 25.31 12.37
C SER B 274 -8.62 25.89 11.01
N TYR B 275 -8.73 25.07 9.98
CA TYR B 275 -8.31 25.46 8.63
C TYR B 275 -9.28 26.46 7.99
N HIS B 276 -8.73 27.55 7.44
CA HIS B 276 -9.50 28.48 6.61
C HIS B 276 -8.79 28.92 5.31
N GLY B 277 -7.64 28.34 5.00
CA GLY B 277 -6.92 28.65 3.76
C GLY B 277 -6.16 29.96 3.80
N ASN B 278 -6.21 30.67 4.92
CA ASN B 278 -5.65 32.00 5.02
C ASN B 278 -4.12 31.98 5.09
N THR B 279 -3.54 33.14 4.85
CA THR B 279 -2.10 33.28 4.65
C THR B 279 -1.27 32.90 5.89
N ASN B 280 -1.86 33.02 7.08
CA ASN B 280 -1.19 32.58 8.30
C ASN B 280 -1.13 31.06 8.46
N GLN B 281 -1.78 30.33 7.55
CA GLN B 281 -1.76 28.88 7.56
C GLN B 281 -1.05 28.32 6.34
N GLN B 282 -0.45 29.20 5.53
CA GLN B 282 0.31 28.80 4.36
C GLN B 282 1.80 28.86 4.64
N TRP B 283 2.51 27.83 4.20
CA TRP B 283 3.94 27.70 4.46
C TRP B 283 4.72 27.48 3.18
N ILE B 284 5.92 28.04 3.14
CA ILE B 284 6.87 27.86 2.05
C ILE B 284 7.99 26.97 2.57
N ILE B 285 8.29 25.90 1.83
CA ILE B 285 9.25 24.89 2.25
C ILE B 285 10.35 24.77 1.20
N ASN B 286 11.60 24.84 1.66
CA ASN B 286 12.77 24.73 0.81
C ASN B 286 13.77 23.76 1.41
N LEU B 287 14.48 23.06 0.54
CA LEU B 287 15.59 22.19 0.96
C LEU B 287 16.70 23.06 1.50
N ILE B 288 17.36 22.62 2.57
CA ILE B 288 18.52 23.32 3.11
C ILE B 288 19.62 23.40 2.06
#